data_8KDP
#
_entry.id   8KDP
#
_cell.length_a   1.00
_cell.length_b   1.00
_cell.length_c   1.00
_cell.angle_alpha   90.00
_cell.angle_beta   90.00
_cell.angle_gamma   90.00
#
_symmetry.space_group_name_H-M   'P 1'
#
loop_
_entity.id
_entity.type
_entity.pdbx_description
1 polymer '4F2 cell-surface antigen heavy chain'
2 polymer 'Large neutral amino acids transporter small subunit 1'
#
loop_
_entity_poly.entity_id
_entity_poly.type
_entity_poly.pdbx_seq_one_letter_code
_entity_poly.pdbx_strand_id
1 'polypeptide(L)'
;GSELQPPEASIAVVSIPRQLPGSHSEAGVQGLSAGDDSELGSHCVAQTGLELLASGDPLPSASQNAEMIETGSDCVTQAG
LQLLASSDPPALASKNAEVTGTMSQDTEVDMKEVELNELEPEKQPMNAASGAAMSLAGAEKNGLVKIKVAEDEAEAAAAA
KFTGLSKEELLKVAGSPGWVRTRWALLLLFWLGWLGMLAGAVVIIVRAPRCRELPAQKWWHTGALYRIGDLQAFQGHGAG
NLAGLKGRLDYLSSLKVKGLVLGPIHKNQKDDVAQTDLLQIDPNFGSKEDFDSLLQSAKKKSIRVILDLTPNYRGENSWF
STQVDTVATKVKDALEFWLQAGVDGFQVRDIENLKDASSFLAEWQNITKGFSEDRLLIAGTNSSDLQQILSLLESNKDLL
LTSSYLSDSGSTGEHTKSLVTQYLNATGNRWCSWSLSQARLLTSFLPAQLLRLYQLMLFTLPGTPVFSYGDEIGLDAAAL
PGQPMEAPVMLWDESSFPDIPGAVSANMTVKGQSEDPGSLLSLFRRLSDQRSKERSLLHGDFHAFSAGPGLFSYIRHWDQ
NERFLVVLNFGDVGLSAGLQASDLPASASLPAKADLLLSTQPGREEGSPLELERLKLEPHEGLLLRFPYAA
;
A
2 'polypeptide(L)'
;MAGAGPKRRALAAPAAEEKEEAREKMLAAKSADGSAPAGEGEGVTLQRNITLLNGVAIIVGTIIGSGIFVTPTGVLKEAG
SPGLALVVWAACGVFSIVGALCYAELGTTISKSGGDYAYMLEVYGSLPAFLKLWIELLIIRPSSQYIVALVFATYLLKPL
FPTCPVPEEAAKLVACLCVLLLTAVNCYSVKAATRVQDAFAAAKLLALALIILLGFVQIGKGDVSNLDPNFSFEGTKLDV
GNIVLALYSGLFAYGGWNYLNFVTEEMINPYRNLPLAIIISLPIVTLVYVLTNLAYFTTLSTEQMLSSEAVAVDFGNYHL
GVMSWIIPVFVGLSCFGSVNGSLFTSSRLFFVGSREGHLPSILSMIHPQLLTPVPSLVFTCVMTLLYAFSKDIFSVINFF
SFFNWLCVALAIIGMIWLRHRKPELERPIKVNLALPVFFILACLFLIAVSFWKTPVECGIGFTIILSGLPVYFFGVWWKN
KPKWLLQGIFSTTVLCQKLMQVVPQETDYKDDDDK
;
B
#
# COMPACT_ATOMS: atom_id res chain seq x y z
N THR A 163 -15.74 5.99 -25.15
CA THR A 163 -16.78 5.92 -24.07
C THR A 163 -17.64 4.67 -24.24
N GLY A 164 -18.32 4.29 -23.15
CA GLY A 164 -19.02 3.02 -23.02
C GLY A 164 -20.54 3.12 -23.14
N LEU A 165 -21.21 2.05 -22.68
CA LEU A 165 -22.63 1.78 -22.88
C LEU A 165 -23.40 2.12 -21.60
N SER A 166 -24.50 2.86 -21.75
CA SER A 166 -25.26 3.44 -20.64
C SER A 166 -25.96 2.39 -19.77
N LYS A 167 -26.29 2.78 -18.51
CA LYS A 167 -26.78 1.88 -17.46
C LYS A 167 -27.95 0.99 -17.93
N GLU A 168 -29.01 1.59 -18.47
CA GLU A 168 -30.21 0.87 -18.85
C GLU A 168 -30.01 -0.02 -20.07
N GLU A 169 -29.27 0.46 -21.07
CA GLU A 169 -29.07 -0.24 -22.34
C GLU A 169 -28.29 -1.54 -22.14
N LEU A 170 -27.26 -1.50 -21.28
CA LEU A 170 -26.50 -2.69 -20.87
C LEU A 170 -27.45 -3.78 -20.34
N LEU A 171 -28.35 -3.43 -19.41
CA LEU A 171 -29.23 -4.40 -18.75
C LEU A 171 -30.25 -5.03 -19.71
N LYS A 172 -30.51 -4.45 -20.89
CA LYS A 172 -31.36 -5.07 -21.91
C LYS A 172 -30.66 -6.26 -22.58
N VAL A 173 -29.31 -6.34 -22.56
CA VAL A 173 -28.55 -7.45 -23.11
C VAL A 173 -28.05 -8.40 -22.01
N ALA A 174 -27.41 -7.85 -20.97
CA ALA A 174 -26.67 -8.62 -19.98
C ALA A 174 -27.57 -9.47 -19.05
N GLY A 175 -28.90 -9.28 -19.09
CA GLY A 175 -29.86 -10.14 -18.40
C GLY A 175 -30.22 -11.45 -19.13
N SER A 176 -29.72 -11.65 -20.38
CA SER A 176 -30.01 -12.84 -21.18
C SER A 176 -29.46 -14.11 -20.52
N PRO A 177 -30.22 -15.25 -20.47
CA PRO A 177 -29.74 -16.51 -19.90
C PRO A 177 -28.35 -16.99 -20.35
N GLY A 178 -27.93 -16.73 -21.61
CA GLY A 178 -26.58 -17.02 -22.07
C GLY A 178 -25.49 -16.35 -21.23
N TRP A 179 -25.61 -15.04 -21.04
CA TRP A 179 -24.71 -14.28 -20.18
C TRP A 179 -24.84 -14.69 -18.71
N VAL A 180 -26.05 -14.89 -18.19
CA VAL A 180 -26.20 -15.32 -16.78
C VAL A 180 -25.53 -16.69 -16.56
N ARG A 181 -25.73 -17.65 -17.44
CA ARG A 181 -25.08 -18.96 -17.37
C ARG A 181 -23.55 -18.76 -17.39
N THR A 182 -23.07 -17.89 -18.30
CA THR A 182 -21.64 -17.61 -18.46
C THR A 182 -21.05 -17.02 -17.17
N ARG A 183 -21.68 -15.99 -16.59
CA ARG A 183 -21.20 -15.37 -15.36
C ARG A 183 -21.26 -16.36 -14.19
N TRP A 184 -22.32 -17.17 -14.07
CA TRP A 184 -22.39 -18.24 -13.09
C TRP A 184 -21.23 -19.23 -13.23
N ALA A 185 -20.98 -19.68 -14.47
CA ALA A 185 -19.86 -20.57 -14.74
C ALA A 185 -18.50 -19.92 -14.40
N LEU A 186 -18.29 -18.64 -14.74
CA LEU A 186 -17.06 -17.93 -14.45
C LEU A 186 -16.81 -17.81 -12.95
N LEU A 187 -17.78 -17.35 -12.15
CA LEU A 187 -17.60 -17.27 -10.70
C LEU A 187 -17.24 -18.66 -10.12
N LEU A 188 -17.95 -19.70 -10.58
CA LEU A 188 -17.77 -21.03 -10.06
C LEU A 188 -16.40 -21.60 -10.44
N LEU A 189 -15.99 -21.49 -11.72
CA LEU A 189 -14.68 -21.98 -12.13
C LEU A 189 -13.53 -21.13 -11.57
N PHE A 190 -13.75 -19.84 -11.29
CA PHE A 190 -12.76 -19.03 -10.56
C PHE A 190 -12.54 -19.60 -9.16
N TRP A 191 -13.62 -19.91 -8.42
CA TRP A 191 -13.46 -20.51 -7.11
C TRP A 191 -12.85 -21.92 -7.17
N LEU A 192 -13.23 -22.71 -8.16
CA LEU A 192 -12.58 -24.00 -8.35
C LEU A 192 -11.08 -23.83 -8.64
N GLY A 193 -10.68 -22.91 -9.54
CA GLY A 193 -9.29 -22.64 -9.84
C GLY A 193 -8.46 -22.22 -8.61
N TRP A 194 -9.03 -21.32 -7.79
CA TRP A 194 -8.40 -20.87 -6.56
C TRP A 194 -8.28 -22.02 -5.55
N LEU A 195 -9.33 -22.82 -5.36
CA LEU A 195 -9.19 -24.02 -4.54
C LEU A 195 -8.16 -25.00 -5.13
N GLY A 196 -8.02 -25.05 -6.46
CA GLY A 196 -6.96 -25.79 -7.13
C GLY A 196 -5.56 -25.32 -6.78
N MET A 197 -5.35 -23.99 -6.77
CA MET A 197 -4.13 -23.44 -6.23
C MET A 197 -3.94 -23.90 -4.78
N LEU A 198 -5.00 -23.85 -3.95
CA LEU A 198 -4.89 -24.11 -2.53
C LEU A 198 -4.44 -25.56 -2.29
N ALA A 199 -5.11 -26.51 -2.94
CA ALA A 199 -4.70 -27.90 -2.90
C ALA A 199 -3.28 -28.09 -3.48
N GLY A 200 -2.95 -27.41 -4.60
CA GLY A 200 -1.60 -27.42 -5.18
C GLY A 200 -0.53 -26.98 -4.18
N ALA A 201 -0.79 -25.91 -3.44
CA ALA A 201 0.12 -25.42 -2.43
C ALA A 201 0.35 -26.49 -1.37
N VAL A 202 -0.70 -27.12 -0.84
CA VAL A 202 -0.53 -28.18 0.15
C VAL A 202 0.31 -29.33 -0.43
N VAL A 203 0.08 -29.72 -1.69
CA VAL A 203 0.91 -30.73 -2.35
C VAL A 203 2.40 -30.36 -2.28
N ILE A 204 2.76 -29.13 -2.70
CA ILE A 204 4.14 -28.68 -2.69
C ILE A 204 4.71 -28.73 -1.27
N ILE A 205 3.95 -28.22 -0.31
CA ILE A 205 4.39 -28.14 1.09
C ILE A 205 4.67 -29.53 1.67
N VAL A 206 3.77 -30.50 1.41
CA VAL A 206 3.93 -31.86 1.94
C VAL A 206 5.05 -32.60 1.22
N ARG A 207 5.19 -32.42 -0.11
CA ARG A 207 6.16 -33.15 -0.92
C ARG A 207 7.59 -32.63 -0.74
N ALA A 208 7.76 -31.33 -0.45
CA ALA A 208 9.07 -30.75 -0.19
C ALA A 208 9.68 -31.25 1.13
N PRO A 209 11.02 -31.48 1.19
CA PRO A 209 11.68 -31.97 2.40
C PRO A 209 11.74 -30.91 3.50
N ARG A 210 11.53 -31.35 4.76
CA ARG A 210 11.63 -30.48 5.93
C ARG A 210 13.08 -30.04 6.15
N CYS A 211 13.29 -29.02 7.01
CA CYS A 211 14.65 -28.59 7.34
C CYS A 211 15.48 -29.68 8.04
N ARG A 212 16.80 -29.68 7.74
CA ARG A 212 17.82 -30.30 8.58
C ARG A 212 17.71 -29.70 9.98
N GLU A 213 17.42 -30.54 10.98
CA GLU A 213 17.30 -30.15 12.39
C GLU A 213 18.64 -29.68 12.98
N LEU A 214 18.59 -28.89 14.06
CA LEU A 214 19.80 -28.60 14.82
C LEU A 214 20.17 -29.79 15.73
N VAL B 44 -26.91 4.37 -8.14
CA VAL B 44 -25.76 3.52 -8.62
C VAL B 44 -24.48 4.36 -8.65
N THR B 45 -23.88 4.53 -7.47
CA THR B 45 -22.67 5.32 -7.28
C THR B 45 -21.91 4.76 -6.08
N LEU B 46 -20.59 4.99 -5.99
CA LEU B 46 -19.86 4.47 -4.82
C LEU B 46 -20.39 5.01 -3.48
N GLN B 47 -21.03 4.15 -2.68
CA GLN B 47 -21.69 4.59 -1.45
C GLN B 47 -20.67 4.86 -0.33
N ARG B 48 -20.85 5.97 0.41
CA ARG B 48 -20.03 6.28 1.58
C ARG B 48 -20.28 5.27 2.68
N ASN B 49 -19.23 4.53 3.11
CA ASN B 49 -19.32 3.47 4.10
C ASN B 49 -18.22 3.51 5.17
N ILE B 50 -17.15 4.30 4.97
CA ILE B 50 -15.97 4.24 5.82
C ILE B 50 -16.18 5.13 7.05
N THR B 51 -16.54 4.52 8.19
CA THR B 51 -16.53 5.17 9.49
C THR B 51 -15.11 5.49 9.96
N LEU B 52 -14.99 6.32 10.99
CA LEU B 52 -13.71 6.73 11.59
C LEU B 52 -12.86 5.50 11.90
N LEU B 53 -13.42 4.49 12.59
CA LEU B 53 -12.68 3.30 12.94
C LEU B 53 -12.10 2.58 11.69
N ASN B 54 -12.83 2.55 10.58
CA ASN B 54 -12.39 1.86 9.36
C ASN B 54 -11.31 2.69 8.68
N GLY B 55 -11.38 4.03 8.71
CA GLY B 55 -10.30 4.89 8.27
C GLY B 55 -9.04 4.72 9.11
N VAL B 56 -9.19 4.66 10.44
CA VAL B 56 -8.09 4.39 11.33
C VAL B 56 -7.51 3.01 11.02
N ALA B 57 -8.35 2.00 10.90
CA ALA B 57 -7.90 0.65 10.57
C ALA B 57 -7.11 0.63 9.25
N ILE B 58 -7.55 1.33 8.20
CA ILE B 58 -6.82 1.40 6.95
C ILE B 58 -5.44 1.96 7.20
N ILE B 59 -5.32 3.15 7.84
CA ILE B 59 -4.04 3.85 7.92
C ILE B 59 -3.09 3.20 8.94
N VAL B 60 -3.53 2.76 10.12
CA VAL B 60 -2.67 1.96 10.99
C VAL B 60 -2.35 0.59 10.37
N GLY B 61 -3.29 0.04 9.59
CA GLY B 61 -3.10 -1.17 8.84
C GLY B 61 -1.95 -1.06 7.84
N THR B 62 -1.96 -0.08 6.96
CA THR B 62 -0.99 -0.03 5.88
C THR B 62 0.33 0.58 6.34
N ILE B 63 0.38 1.34 7.44
CA ILE B 63 1.64 1.92 7.87
C ILE B 63 2.46 0.78 8.49
N ILE B 64 1.90 0.07 9.48
CA ILE B 64 2.69 -0.65 10.47
C ILE B 64 3.63 -1.64 9.77
N GLY B 65 3.11 -2.34 8.75
CA GLY B 65 3.88 -3.15 7.82
C GLY B 65 4.59 -4.38 8.41
N SER B 66 5.54 -4.92 7.61
CA SER B 66 6.54 -5.89 8.03
C SER B 66 7.73 -5.23 8.70
N GLY B 67 8.00 -3.96 8.37
CA GLY B 67 9.25 -3.28 8.69
C GLY B 67 9.63 -3.39 10.15
N ILE B 68 8.67 -3.06 11.01
CA ILE B 68 8.84 -3.09 12.46
C ILE B 68 9.23 -4.48 12.99
N PHE B 69 8.87 -5.55 12.30
CA PHE B 69 9.22 -6.89 12.73
C PHE B 69 10.50 -7.46 12.10
N VAL B 70 10.89 -7.12 10.85
CA VAL B 70 11.94 -7.87 10.15
C VAL B 70 13.01 -6.96 9.50
N THR B 71 12.84 -5.62 9.56
CA THR B 71 13.89 -4.70 9.07
C THR B 71 14.15 -3.52 10.01
N PRO B 72 13.94 -3.60 11.36
CA PRO B 72 14.20 -2.45 12.24
C PRO B 72 15.69 -2.11 12.32
N THR B 73 16.53 -3.12 12.08
CA THR B 73 17.98 -2.99 12.01
C THR B 73 18.48 -1.95 10.99
N GLY B 74 17.66 -1.60 9.99
CA GLY B 74 17.94 -0.49 9.06
C GLY B 74 18.32 0.83 9.74
N VAL B 75 17.77 1.09 10.92
CA VAL B 75 18.21 2.20 11.73
C VAL B 75 19.57 1.90 12.37
N LEU B 76 19.73 0.80 13.14
CA LEU B 76 20.98 0.49 13.85
C LEU B 76 22.21 0.53 12.94
N LYS B 77 22.10 0.06 11.69
CA LYS B 77 23.28 -0.11 10.86
C LYS B 77 24.00 1.22 10.68
N GLU B 78 23.22 2.33 10.59
CA GLU B 78 23.75 3.68 10.46
C GLU B 78 23.79 4.43 11.81
N ALA B 79 22.73 4.32 12.62
CA ALA B 79 22.69 4.87 13.97
C ALA B 79 23.21 3.84 15.00
N GLY B 80 24.55 3.70 15.09
CA GLY B 80 25.20 2.56 15.75
C GLY B 80 25.12 2.45 17.28
N SER B 81 24.13 3.11 17.93
CA SER B 81 23.89 2.98 19.36
C SER B 81 22.40 2.81 19.64
N PRO B 82 21.97 1.89 20.53
CA PRO B 82 20.54 1.69 20.77
C PRO B 82 19.88 2.94 21.36
N GLY B 83 20.55 3.66 22.27
CA GLY B 83 20.04 4.91 22.80
C GLY B 83 19.81 6.01 21.74
N LEU B 84 20.57 5.96 20.62
CA LEU B 84 20.31 6.83 19.49
C LEU B 84 19.21 6.31 18.58
N ALA B 85 19.14 4.99 18.33
CA ALA B 85 18.14 4.40 17.45
C ALA B 85 16.71 4.74 17.86
N LEU B 86 16.43 4.79 19.19
CA LEU B 86 15.09 5.15 19.67
C LEU B 86 14.72 6.61 19.40
N VAL B 87 15.68 7.54 19.42
CA VAL B 87 15.37 8.91 19.04
C VAL B 87 15.32 9.10 17.51
N VAL B 88 16.04 8.30 16.72
CA VAL B 88 15.88 8.33 15.27
C VAL B 88 14.44 7.96 14.90
N TRP B 89 13.83 6.93 15.54
CA TRP B 89 12.43 6.60 15.30
C TRP B 89 11.46 7.70 15.70
N ALA B 90 11.69 8.37 16.83
CA ALA B 90 10.84 9.47 17.27
C ALA B 90 10.89 10.65 16.28
N ALA B 91 12.08 10.98 15.77
CA ALA B 91 12.27 12.06 14.83
C ALA B 91 11.48 11.83 13.54
N CYS B 92 11.57 10.64 12.93
CA CYS B 92 10.79 10.36 11.72
C CYS B 92 9.30 10.20 12.07
N GLY B 93 8.95 9.78 13.30
CA GLY B 93 7.59 9.90 13.80
C GLY B 93 7.02 11.31 13.64
N VAL B 94 7.61 12.29 14.30
CA VAL B 94 7.11 13.66 14.25
C VAL B 94 7.22 14.31 12.86
N PHE B 95 8.31 14.07 12.11
CA PHE B 95 8.37 14.47 10.71
C PHE B 95 7.21 13.89 9.87
N SER B 96 6.87 12.61 10.03
CA SER B 96 5.77 12.05 9.26
C SER B 96 4.45 12.70 9.72
N ILE B 97 4.28 12.97 11.03
CA ILE B 97 3.08 13.61 11.54
C ILE B 97 2.87 14.95 10.85
N VAL B 98 3.86 15.85 10.79
CA VAL B 98 3.62 17.13 10.11
C VAL B 98 3.35 16.96 8.61
N GLY B 99 3.95 15.97 7.95
CA GLY B 99 3.58 15.59 6.60
C GLY B 99 2.10 15.22 6.51
N ALA B 100 1.64 14.34 7.43
CA ALA B 100 0.27 13.85 7.45
C ALA B 100 -0.76 14.97 7.72
N LEU B 101 -0.42 15.93 8.60
CA LEU B 101 -1.25 17.11 8.80
C LEU B 101 -1.44 17.86 7.49
N CYS B 102 -0.37 18.00 6.71
CA CYS B 102 -0.50 18.65 5.40
C CYS B 102 -1.46 17.89 4.49
N TYR B 103 -1.53 16.57 4.62
CA TYR B 103 -2.49 15.79 3.83
C TYR B 103 -3.89 15.85 4.40
N ALA B 104 -4.06 16.05 5.72
CA ALA B 104 -5.39 16.38 6.22
C ALA B 104 -5.86 17.72 5.60
N GLU B 105 -4.97 18.71 5.47
CA GLU B 105 -5.29 19.93 4.74
C GLU B 105 -5.66 19.61 3.28
N LEU B 106 -4.78 18.96 2.50
CA LEU B 106 -5.12 18.67 1.11
C LEU B 106 -6.45 17.93 0.98
N GLY B 107 -6.67 16.90 1.81
CA GLY B 107 -7.86 16.08 1.72
C GLY B 107 -9.16 16.73 2.19
N THR B 108 -9.09 17.86 2.92
CA THR B 108 -10.28 18.62 3.26
C THR B 108 -10.44 19.86 2.35
N THR B 109 -9.35 20.32 1.73
CA THR B 109 -9.42 21.45 0.80
C THR B 109 -9.83 21.01 -0.60
N ILE B 110 -9.33 19.83 -1.04
CA ILE B 110 -9.74 19.19 -2.29
C ILE B 110 -10.33 17.83 -1.93
N SER B 111 -11.61 17.61 -2.22
CA SER B 111 -12.31 16.39 -1.78
C SER B 111 -12.52 15.32 -2.90
N LYS B 112 -11.76 15.37 -4.01
CA LYS B 112 -11.99 14.56 -5.20
C LYS B 112 -11.62 13.08 -5.06
N SER B 113 -10.87 12.71 -4.00
CA SER B 113 -10.61 11.32 -3.61
C SER B 113 -9.73 10.50 -4.56
N GLY B 114 -8.86 11.15 -5.34
CA GLY B 114 -7.85 10.40 -6.07
C GLY B 114 -6.62 10.05 -5.26
N GLY B 115 -6.48 10.56 -4.03
CA GLY B 115 -5.17 10.70 -3.39
C GLY B 115 -4.35 11.75 -4.13
N ASP B 116 -3.04 11.70 -3.93
CA ASP B 116 -2.15 12.71 -4.47
C ASP B 116 -2.17 12.78 -5.99
N TYR B 117 -2.72 11.79 -6.68
CA TYR B 117 -3.02 11.94 -8.10
C TYR B 117 -3.99 13.09 -8.41
N ALA B 118 -5.16 13.09 -7.76
CA ALA B 118 -6.10 14.19 -7.94
C ALA B 118 -5.55 15.55 -7.42
N TYR B 119 -4.78 15.53 -6.32
CA TYR B 119 -4.16 16.72 -5.78
C TYR B 119 -3.17 17.34 -6.75
N MET B 120 -2.40 16.48 -7.42
CA MET B 120 -1.50 16.93 -8.46
C MET B 120 -2.32 17.54 -9.61
N LEU B 121 -3.33 16.82 -10.11
CA LEU B 121 -4.08 17.23 -11.29
C LEU B 121 -4.74 18.61 -11.07
N GLU B 122 -5.33 18.84 -9.88
CA GLU B 122 -5.98 20.11 -9.52
C GLU B 122 -5.04 21.31 -9.47
N VAL B 123 -3.71 21.11 -9.56
CA VAL B 123 -2.74 22.21 -9.58
C VAL B 123 -1.89 22.17 -10.85
N TYR B 124 -1.17 21.06 -11.04
CA TYR B 124 -0.23 20.93 -12.14
C TYR B 124 -0.87 20.45 -13.45
N GLY B 125 -2.16 20.13 -13.47
CA GLY B 125 -2.86 19.77 -14.70
C GLY B 125 -2.52 18.37 -15.22
N SER B 126 -2.89 18.09 -16.49
CA SER B 126 -3.10 16.73 -16.98
C SER B 126 -1.80 15.91 -17.02
N LEU B 127 -0.79 16.35 -17.77
CA LEU B 127 0.36 15.49 -18.04
C LEU B 127 1.17 15.18 -16.77
N PRO B 128 1.55 16.12 -15.86
CA PRO B 128 2.19 15.75 -14.60
C PRO B 128 1.45 14.68 -13.81
N ALA B 129 0.15 14.83 -13.62
CA ALA B 129 -0.65 13.83 -12.93
C ALA B 129 -0.63 12.50 -13.69
N PHE B 130 -0.64 12.51 -15.02
CA PHE B 130 -0.61 11.27 -15.74
C PHE B 130 0.74 10.56 -15.55
N LEU B 131 1.86 11.29 -15.55
CA LEU B 131 3.15 10.64 -15.41
C LEU B 131 3.25 9.99 -14.04
N LYS B 132 2.60 10.54 -12.98
CA LYS B 132 2.40 9.81 -11.75
C LYS B 132 1.57 8.54 -11.98
N LEU B 133 0.35 8.71 -12.45
CA LEU B 133 -0.58 7.59 -12.51
C LEU B 133 -0.10 6.40 -13.37
N TRP B 134 0.63 6.64 -14.47
CA TRP B 134 1.20 5.57 -15.28
C TRP B 134 2.22 4.72 -14.49
N ILE B 135 3.05 5.35 -13.66
CA ILE B 135 4.01 4.65 -12.82
C ILE B 135 3.31 3.93 -11.67
N GLU B 136 2.27 4.55 -11.09
CA GLU B 136 1.45 3.86 -10.08
C GLU B 136 0.78 2.59 -10.61
N LEU B 137 0.24 2.66 -11.82
CA LEU B 137 -0.42 1.53 -12.47
C LEU B 137 0.55 0.44 -12.88
N LEU B 138 1.67 0.78 -13.52
CA LEU B 138 2.54 -0.20 -14.11
C LEU B 138 3.45 -0.83 -13.05
N ILE B 139 3.87 -0.03 -12.05
CA ILE B 139 4.99 -0.42 -11.20
C ILE B 139 4.65 -0.33 -9.72
N ILE B 140 4.46 0.88 -9.21
CA ILE B 140 4.62 1.07 -7.78
C ILE B 140 3.52 0.36 -6.98
N ARG B 141 2.27 0.50 -7.39
CA ARG B 141 1.20 -0.12 -6.63
C ARG B 141 1.28 -1.65 -6.78
N PRO B 142 1.37 -2.27 -8.00
CA PRO B 142 1.51 -3.72 -8.12
C PRO B 142 2.74 -4.35 -7.48
N SER B 143 3.92 -3.78 -7.67
CA SER B 143 5.15 -4.41 -7.19
C SER B 143 5.23 -4.34 -5.67
N SER B 144 4.74 -3.25 -5.03
CA SER B 144 4.63 -3.25 -3.57
C SER B 144 3.60 -4.27 -3.08
N GLN B 145 2.47 -4.43 -3.76
CA GLN B 145 1.51 -5.45 -3.39
C GLN B 145 2.17 -6.80 -3.46
N TYR B 146 2.82 -7.12 -4.58
CA TYR B 146 3.35 -8.47 -4.75
C TYR B 146 4.44 -8.74 -3.70
N ILE B 147 5.34 -7.79 -3.48
CA ILE B 147 6.34 -7.96 -2.46
C ILE B 147 5.68 -8.23 -1.10
N VAL B 148 4.66 -7.44 -0.69
CA VAL B 148 4.04 -7.64 0.62
C VAL B 148 3.30 -8.97 0.70
N ALA B 149 2.67 -9.39 -0.38
CA ALA B 149 2.07 -10.72 -0.42
C ALA B 149 3.11 -11.81 -0.24
N LEU B 150 4.31 -11.64 -0.82
CA LEU B 150 5.34 -12.65 -0.68
C LEU B 150 5.86 -12.66 0.75
N VAL B 151 5.91 -11.50 1.42
CA VAL B 151 6.31 -11.45 2.82
C VAL B 151 5.26 -12.16 3.65
N PHE B 152 4.00 -12.06 3.32
CA PHE B 152 3.00 -12.88 3.99
C PHE B 152 3.30 -14.34 3.76
N ALA B 153 3.55 -14.75 2.52
CA ALA B 153 3.78 -16.15 2.20
C ALA B 153 4.98 -16.71 2.97
N THR B 154 6.12 -16.04 2.90
CA THR B 154 7.31 -16.49 3.62
C THR B 154 7.03 -16.58 5.11
N TYR B 155 6.62 -15.52 5.79
CA TYR B 155 6.55 -15.57 7.24
C TYR B 155 5.38 -16.42 7.71
N LEU B 156 4.33 -16.64 6.92
CA LEU B 156 3.29 -17.62 7.24
C LEU B 156 3.84 -19.05 7.19
N LEU B 157 4.65 -19.36 6.19
CA LEU B 157 5.14 -20.71 6.02
C LEU B 157 6.36 -21.00 6.89
N LYS B 158 7.10 -19.98 7.35
CA LYS B 158 8.30 -20.11 8.15
C LYS B 158 8.19 -21.19 9.22
N PRO B 159 7.13 -21.27 10.07
CA PRO B 159 7.11 -22.29 11.12
C PRO B 159 7.15 -23.72 10.59
N LEU B 160 6.76 -23.94 9.32
CA LEU B 160 6.83 -25.25 8.71
C LEU B 160 8.24 -25.58 8.22
N PHE B 161 9.14 -24.56 8.23
CA PHE B 161 10.52 -24.64 7.77
C PHE B 161 11.45 -23.79 8.64
N PRO B 162 11.55 -24.04 9.95
CA PRO B 162 12.15 -23.08 10.88
C PRO B 162 13.58 -22.62 10.63
N THR B 163 14.45 -23.53 10.11
CA THR B 163 15.89 -23.27 10.09
C THR B 163 16.41 -22.95 8.69
N CYS B 164 15.58 -23.07 7.65
CA CYS B 164 16.04 -23.08 6.26
C CYS B 164 15.01 -22.46 5.31
N PRO B 165 15.40 -21.87 4.15
CA PRO B 165 14.45 -21.22 3.25
C PRO B 165 13.25 -22.06 2.85
N VAL B 166 12.07 -21.39 2.84
CA VAL B 166 10.78 -21.99 2.49
C VAL B 166 10.78 -22.34 1.00
N PRO B 167 10.02 -23.39 0.59
CA PRO B 167 9.95 -23.83 -0.81
C PRO B 167 9.45 -22.71 -1.72
N GLU B 168 10.33 -22.29 -2.63
CA GLU B 168 10.09 -21.12 -3.47
C GLU B 168 8.82 -21.30 -4.30
N GLU B 169 8.64 -22.51 -4.82
CA GLU B 169 7.50 -22.87 -5.65
C GLU B 169 6.18 -22.75 -4.88
N ALA B 170 6.18 -22.95 -3.55
CA ALA B 170 5.01 -22.79 -2.70
C ALA B 170 4.76 -21.32 -2.37
N ALA B 171 5.81 -20.57 -2.07
CA ALA B 171 5.67 -19.20 -1.63
C ALA B 171 5.00 -18.41 -2.73
N LYS B 172 5.45 -18.54 -4.01
CA LYS B 172 4.83 -17.81 -5.12
C LYS B 172 3.33 -18.13 -5.22
N LEU B 173 2.97 -19.37 -4.94
CA LEU B 173 1.60 -19.82 -5.06
C LEU B 173 0.75 -19.25 -3.92
N VAL B 174 1.23 -19.30 -2.69
CA VAL B 174 0.49 -18.77 -1.56
C VAL B 174 0.40 -17.23 -1.59
N ALA B 175 1.33 -16.53 -2.18
CA ALA B 175 1.14 -15.11 -2.46
C ALA B 175 -0.09 -14.92 -3.33
N CYS B 176 -0.16 -15.68 -4.44
CA CYS B 176 -1.26 -15.50 -5.37
C CYS B 176 -2.60 -15.88 -4.75
N LEU B 177 -2.64 -16.93 -3.93
CA LEU B 177 -3.85 -17.27 -3.18
C LEU B 177 -4.41 -16.13 -2.33
N CYS B 178 -3.52 -15.39 -1.65
CA CYS B 178 -3.89 -14.21 -0.89
C CYS B 178 -4.39 -13.06 -1.78
N VAL B 179 -3.62 -12.68 -2.80
CA VAL B 179 -4.00 -11.58 -3.66
C VAL B 179 -5.32 -11.88 -4.38
N LEU B 180 -5.55 -13.11 -4.83
CA LEU B 180 -6.85 -13.46 -5.35
C LEU B 180 -7.93 -13.34 -4.26
N LEU B 181 -7.81 -13.98 -3.08
CA LEU B 181 -8.88 -13.95 -2.10
C LEU B 181 -9.25 -12.51 -1.73
N LEU B 182 -8.28 -11.63 -1.42
CA LEU B 182 -8.64 -10.29 -1.01
C LEU B 182 -9.22 -9.46 -2.16
N THR B 183 -8.87 -9.78 -3.42
CA THR B 183 -9.60 -9.20 -4.52
C THR B 183 -11.05 -9.71 -4.55
N ALA B 184 -11.27 -10.99 -4.35
CA ALA B 184 -12.63 -11.52 -4.32
C ALA B 184 -13.46 -10.85 -3.22
N VAL B 185 -12.94 -10.71 -2.01
CA VAL B 185 -13.67 -10.04 -0.94
C VAL B 185 -14.01 -8.60 -1.31
N ASN B 186 -13.03 -7.81 -1.74
CA ASN B 186 -13.26 -6.40 -2.05
C ASN B 186 -14.12 -6.20 -3.30
N CYS B 187 -14.16 -7.20 -4.20
CA CYS B 187 -15.04 -7.27 -5.34
C CYS B 187 -16.48 -7.62 -4.92
N TYR B 188 -16.66 -8.45 -3.88
CA TYR B 188 -17.96 -8.83 -3.38
C TYR B 188 -18.61 -7.75 -2.48
N SER B 189 -17.86 -7.04 -1.61
CA SER B 189 -18.47 -6.14 -0.65
C SER B 189 -17.52 -5.15 0.00
N VAL B 190 -17.87 -3.84 0.00
CA VAL B 190 -17.05 -2.83 0.70
C VAL B 190 -17.12 -3.01 2.22
N LYS B 191 -18.32 -3.38 2.71
CA LYS B 191 -18.53 -3.64 4.12
C LYS B 191 -17.63 -4.81 4.55
N ALA B 192 -17.56 -5.87 3.74
CA ALA B 192 -16.64 -6.97 4.01
C ALA B 192 -15.18 -6.49 4.00
N ALA B 193 -14.79 -5.75 2.96
CA ALA B 193 -13.43 -5.26 2.79
C ALA B 193 -12.93 -4.55 4.05
N THR B 194 -13.79 -3.65 4.56
CA THR B 194 -13.49 -2.85 5.74
C THR B 194 -13.54 -3.68 7.02
N ARG B 195 -14.42 -4.69 7.10
CA ARG B 195 -14.37 -5.65 8.21
C ARG B 195 -13.07 -6.48 8.23
N VAL B 196 -12.58 -6.93 7.07
CA VAL B 196 -11.29 -7.62 7.00
C VAL B 196 -10.15 -6.71 7.42
N GLN B 197 -10.17 -5.45 6.97
CA GLN B 197 -9.15 -4.47 7.36
C GLN B 197 -9.20 -4.20 8.87
N ASP B 198 -10.37 -3.97 9.44
CA ASP B 198 -10.58 -3.91 10.89
C ASP B 198 -9.91 -5.11 11.60
N ALA B 199 -10.22 -6.34 11.14
CA ALA B 199 -9.71 -7.56 11.73
C ALA B 199 -8.18 -7.65 11.74
N PHE B 200 -7.51 -7.36 10.62
CA PHE B 200 -6.06 -7.50 10.56
C PHE B 200 -5.29 -6.25 11.05
N ALA B 201 -5.88 -5.05 10.98
CA ALA B 201 -5.36 -3.90 11.72
C ALA B 201 -5.38 -4.16 13.22
N ALA B 202 -6.42 -4.84 13.73
CA ALA B 202 -6.41 -5.32 15.08
C ALA B 202 -5.30 -6.36 15.23
N ALA B 203 -5.23 -7.36 14.36
CA ALA B 203 -4.33 -8.50 14.55
C ALA B 203 -2.86 -8.08 14.64
N LYS B 204 -2.43 -7.11 13.86
CA LYS B 204 -1.05 -6.67 13.97
C LYS B 204 -0.76 -5.85 15.23
N LEU B 205 -1.66 -4.96 15.68
CA LEU B 205 -1.47 -4.31 16.96
C LEU B 205 -1.42 -5.35 18.08
N LEU B 206 -2.27 -6.39 18.01
CA LEU B 206 -2.30 -7.46 18.99
C LEU B 206 -0.90 -8.10 19.07
N ALA B 207 -0.30 -8.39 17.92
CA ALA B 207 1.07 -8.89 17.88
C ALA B 207 2.06 -7.92 18.52
N LEU B 208 2.00 -6.63 18.17
CA LEU B 208 2.93 -5.63 18.68
C LEU B 208 2.77 -5.48 20.19
N ALA B 209 1.56 -5.62 20.70
CA ALA B 209 1.35 -5.57 22.14
C ALA B 209 2.09 -6.72 22.82
N LEU B 210 2.06 -7.93 22.25
CA LEU B 210 2.79 -9.07 22.81
C LEU B 210 4.29 -8.79 22.86
N ILE B 211 4.85 -8.24 21.80
CA ILE B 211 6.25 -7.88 21.75
C ILE B 211 6.56 -6.84 22.83
N ILE B 212 5.74 -5.78 22.92
CA ILE B 212 5.93 -4.70 23.87
C ILE B 212 5.92 -5.23 25.31
N LEU B 213 4.89 -6.01 25.65
CA LEU B 213 4.74 -6.44 27.03
C LEU B 213 5.85 -7.41 27.40
N LEU B 214 6.32 -8.27 26.49
CA LEU B 214 7.45 -9.12 26.80
C LEU B 214 8.71 -8.30 27.06
N GLY B 215 8.89 -7.18 26.37
CA GLY B 215 9.90 -6.19 26.73
C GLY B 215 9.77 -5.65 28.15
N PHE B 216 8.54 -5.30 28.54
CA PHE B 216 8.29 -4.80 29.89
C PHE B 216 8.56 -5.88 30.96
N VAL B 217 8.13 -7.13 30.72
CA VAL B 217 8.45 -8.27 31.59
C VAL B 217 9.97 -8.41 31.76
N GLN B 218 10.71 -8.34 30.66
CA GLN B 218 12.16 -8.46 30.67
C GLN B 218 12.81 -7.32 31.47
N ILE B 219 12.32 -6.08 31.32
CA ILE B 219 12.79 -4.97 32.14
C ILE B 219 12.46 -5.21 33.63
N GLY B 220 11.27 -5.77 33.93
CA GLY B 220 10.87 -6.12 35.28
C GLY B 220 11.84 -7.09 35.98
N LYS B 221 12.39 -8.06 35.22
CA LYS B 221 13.43 -8.97 35.72
C LYS B 221 14.76 -8.25 35.97
N GLY B 222 15.10 -7.27 35.11
CA GLY B 222 16.31 -6.45 35.24
C GLY B 222 17.62 -7.21 35.10
N PHE B 233 23.15 5.80 24.75
CA PHE B 233 24.12 6.50 23.85
C PHE B 233 25.47 5.79 23.72
N GLU B 234 25.74 4.66 24.39
CA GLU B 234 27.05 4.03 24.31
C GLU B 234 27.41 3.70 22.85
N GLY B 235 28.62 4.10 22.41
CA GLY B 235 29.09 3.87 21.04
C GLY B 235 28.50 4.78 19.97
N THR B 236 27.74 5.83 20.35
CA THR B 236 26.98 6.70 19.43
C THR B 236 27.83 7.33 18.32
N LYS B 237 27.29 7.25 17.10
CA LYS B 237 27.87 7.88 15.91
C LYS B 237 27.48 9.36 15.94
N LEU B 238 28.45 10.27 16.14
CA LEU B 238 28.19 11.70 16.15
C LEU B 238 27.99 12.26 14.73
N ASP B 239 28.37 11.50 13.69
CA ASP B 239 28.56 11.99 12.34
C ASP B 239 27.25 12.22 11.58
N VAL B 240 27.08 13.42 11.02
CA VAL B 240 25.95 13.76 10.13
C VAL B 240 25.81 12.74 8.98
N GLY B 241 26.93 12.37 8.35
CA GLY B 241 26.95 11.39 7.26
C GLY B 241 26.48 9.99 7.64
N ASN B 242 26.45 9.65 8.94
CA ASN B 242 25.81 8.44 9.44
C ASN B 242 24.32 8.68 9.72
N ILE B 243 24.00 9.61 10.62
CA ILE B 243 22.65 9.76 11.17
C ILE B 243 21.60 10.19 10.12
N VAL B 244 21.98 10.99 9.11
CA VAL B 244 21.04 11.38 8.06
C VAL B 244 20.56 10.18 7.25
N LEU B 245 21.48 9.27 6.94
CA LEU B 245 21.09 8.04 6.25
C LEU B 245 20.30 7.08 7.18
N ALA B 246 20.55 7.11 8.48
CA ALA B 246 19.72 6.41 9.46
C ALA B 246 18.28 6.90 9.42
N LEU B 247 18.09 8.21 9.49
CA LEU B 247 16.76 8.80 9.45
C LEU B 247 16.01 8.41 8.16
N TYR B 248 16.63 8.60 6.98
CA TYR B 248 16.07 8.14 5.72
C TYR B 248 15.67 6.66 5.76
N SER B 249 16.56 5.81 6.28
CA SER B 249 16.28 4.38 6.38
C SER B 249 15.09 4.07 7.29
N GLY B 250 14.74 4.99 8.22
CA GLY B 250 13.56 4.91 9.09
C GLY B 250 12.24 5.25 8.37
N LEU B 251 12.28 6.19 7.44
CA LEU B 251 11.06 6.59 6.74
C LEU B 251 10.50 5.50 5.80
N PHE B 252 11.32 4.54 5.35
CA PHE B 252 10.80 3.34 4.70
C PHE B 252 9.83 2.53 5.57
N ALA B 253 9.88 2.66 6.91
CA ALA B 253 8.93 2.01 7.79
C ALA B 253 7.62 2.77 7.77
N TYR B 254 7.65 4.04 8.19
CA TYR B 254 6.45 4.85 8.30
C TYR B 254 5.72 5.10 6.97
N GLY B 255 6.38 5.00 5.80
CA GLY B 255 5.71 5.19 4.52
C GLY B 255 4.43 4.36 4.40
N GLY B 256 3.30 4.99 4.01
CA GLY B 256 1.98 4.37 4.08
C GLY B 256 0.93 5.28 4.72
N TRP B 257 1.33 6.39 5.37
CA TRP B 257 0.37 7.32 5.99
C TRP B 257 -0.51 8.07 4.96
N ASN B 258 0.04 8.37 3.79
CA ASN B 258 -0.69 9.09 2.74
C ASN B 258 -1.77 8.25 2.05
N TYR B 259 -2.02 6.99 2.44
CA TYR B 259 -2.92 6.08 1.73
C TYR B 259 -4.40 6.31 2.09
N LEU B 260 -4.72 7.00 3.22
CA LEU B 260 -6.11 7.24 3.57
C LEU B 260 -6.80 8.27 2.66
N ASN B 261 -6.03 9.22 2.16
CA ASN B 261 -6.49 10.24 1.22
C ASN B 261 -7.14 9.71 -0.07
N PHE B 262 -6.74 8.54 -0.55
CA PHE B 262 -7.32 7.89 -1.71
C PHE B 262 -8.78 7.42 -1.55
N VAL B 263 -9.40 7.51 -0.36
CA VAL B 263 -10.79 7.10 -0.19
C VAL B 263 -11.66 8.19 0.49
N THR B 264 -11.33 9.46 0.27
CA THR B 264 -12.12 10.60 0.71
C THR B 264 -13.58 10.57 0.22
N GLU B 265 -13.85 9.89 -0.90
CA GLU B 265 -15.18 9.77 -1.50
C GLU B 265 -16.00 8.68 -0.83
N GLU B 266 -15.37 7.73 -0.12
CA GLU B 266 -16.11 6.69 0.61
C GLU B 266 -16.08 6.87 2.13
N MET B 267 -15.21 7.74 2.63
CA MET B 267 -15.28 8.32 3.97
C MET B 267 -16.69 8.91 4.27
N ILE B 268 -17.21 8.66 5.48
CA ILE B 268 -18.58 9.02 5.83
C ILE B 268 -18.74 10.53 6.05
N ASN B 269 -17.80 11.18 6.75
CA ASN B 269 -17.88 12.61 7.04
C ASN B 269 -16.48 13.24 6.95
N PRO B 270 -15.94 13.46 5.73
CA PRO B 270 -14.52 13.79 5.54
C PRO B 270 -13.99 14.92 6.41
N TYR B 271 -14.70 16.03 6.51
CA TYR B 271 -14.23 17.23 7.20
C TYR B 271 -13.94 16.97 8.68
N ARG B 272 -14.69 16.03 9.28
CA ARG B 272 -14.50 15.59 10.66
C ARG B 272 -13.58 14.38 10.71
N ASN B 273 -13.88 13.33 9.95
CA ASN B 273 -13.25 12.01 10.11
C ASN B 273 -11.82 11.98 9.57
N LEU B 274 -11.52 12.63 8.45
CA LEU B 274 -10.20 12.47 7.82
C LEU B 274 -9.12 13.10 8.70
N PRO B 275 -9.14 14.39 9.10
CA PRO B 275 -8.14 14.94 10.01
C PRO B 275 -8.07 14.19 11.34
N LEU B 276 -9.23 13.75 11.87
CA LEU B 276 -9.23 12.97 13.09
C LEU B 276 -8.50 11.62 12.92
N ALA B 277 -8.74 10.85 11.85
CA ALA B 277 -8.10 9.55 11.65
C ALA B 277 -6.58 9.65 11.62
N ILE B 278 -6.05 10.70 11.01
CA ILE B 278 -4.61 10.94 10.96
C ILE B 278 -4.05 11.35 12.33
N ILE B 279 -4.75 12.18 13.09
CA ILE B 279 -4.39 12.49 14.48
C ILE B 279 -4.46 11.24 15.37
N ILE B 280 -5.45 10.37 15.18
CA ILE B 280 -5.62 9.17 15.97
C ILE B 280 -4.50 8.17 15.67
N SER B 281 -4.12 8.01 14.40
CA SER B 281 -3.23 6.92 13.98
C SER B 281 -1.76 7.22 14.23
N LEU B 282 -1.17 8.30 13.67
CA LEU B 282 0.29 8.38 13.62
C LEU B 282 0.96 8.46 14.99
N PRO B 283 0.41 9.14 16.01
CA PRO B 283 0.93 9.03 17.37
C PRO B 283 0.89 7.60 17.89
N ILE B 284 -0.20 6.85 17.67
CA ILE B 284 -0.29 5.44 18.06
C ILE B 284 0.81 4.63 17.36
N VAL B 285 1.00 4.84 16.07
CA VAL B 285 2.05 4.18 15.31
C VAL B 285 3.42 4.53 15.89
N THR B 286 3.74 5.82 16.02
CA THR B 286 5.05 6.24 16.51
C THR B 286 5.34 5.61 17.87
N LEU B 287 4.37 5.68 18.78
CA LEU B 287 4.46 5.09 20.11
C LEU B 287 4.75 3.60 19.96
N VAL B 288 3.98 2.89 19.14
CA VAL B 288 4.17 1.46 18.99
C VAL B 288 5.56 1.14 18.41
N TYR B 289 6.04 1.92 17.46
CA TYR B 289 7.37 1.74 16.88
C TYR B 289 8.47 1.90 17.93
N VAL B 290 8.41 3.01 18.66
CA VAL B 290 9.41 3.30 19.68
C VAL B 290 9.38 2.21 20.74
N LEU B 291 8.20 1.84 21.27
CA LEU B 291 8.10 0.80 22.29
C LEU B 291 8.53 -0.57 21.77
N THR B 292 8.18 -0.90 20.52
CA THR B 292 8.55 -2.21 20.02
C THR B 292 10.05 -2.29 19.81
N ASN B 293 10.68 -1.27 19.25
CA ASN B 293 12.13 -1.28 19.10
C ASN B 293 12.83 -1.24 20.47
N LEU B 294 12.26 -0.54 21.46
CA LEU B 294 12.76 -0.62 22.82
C LEU B 294 12.71 -2.08 23.29
N ALA B 295 11.58 -2.77 23.08
CA ALA B 295 11.44 -4.15 23.56
C ALA B 295 12.58 -5.06 23.05
N TYR B 296 13.00 -4.95 21.79
CA TYR B 296 14.12 -5.71 21.27
C TYR B 296 15.41 -5.44 22.03
N PHE B 297 15.69 -4.19 22.39
CA PHE B 297 16.88 -3.86 23.16
C PHE B 297 16.88 -4.38 24.60
N THR B 298 15.74 -4.84 25.11
CA THR B 298 15.72 -5.55 26.39
C THR B 298 16.28 -6.97 26.29
N THR B 299 16.38 -7.52 25.07
CA THR B 299 16.63 -8.93 24.83
C THR B 299 17.92 -9.21 24.06
N LEU B 300 18.29 -8.34 23.11
CA LEU B 300 19.34 -8.63 22.14
C LEU B 300 20.45 -7.57 22.19
N SER B 301 21.67 -7.98 21.83
CA SER B 301 22.79 -7.05 21.66
C SER B 301 22.73 -6.35 20.30
N THR B 302 23.45 -5.22 20.19
CA THR B 302 23.63 -4.50 18.94
C THR B 302 24.11 -5.41 17.79
N GLU B 303 25.21 -6.15 18.02
CA GLU B 303 25.77 -7.09 17.05
C GLU B 303 24.74 -8.16 16.69
N GLN B 304 24.09 -8.73 17.73
CA GLN B 304 23.15 -9.82 17.59
C GLN B 304 21.99 -9.40 16.70
N MET B 305 21.46 -8.18 16.90
CA MET B 305 20.39 -7.66 16.05
C MET B 305 20.91 -7.43 14.63
N LEU B 306 22.05 -6.77 14.43
CA LEU B 306 22.53 -6.49 13.09
C LEU B 306 22.73 -7.74 12.22
N SER B 307 23.06 -8.89 12.83
CA SER B 307 23.24 -10.15 12.11
C SER B 307 22.00 -11.05 12.12
N SER B 308 20.90 -10.64 12.81
CA SER B 308 19.65 -11.40 12.85
C SER B 308 18.88 -11.30 11.54
N GLU B 309 18.22 -12.41 11.14
CA GLU B 309 17.57 -12.48 9.84
C GLU B 309 16.18 -11.84 9.88
N ALA B 310 15.50 -11.92 11.04
CA ALA B 310 14.08 -11.54 11.11
C ALA B 310 13.68 -11.22 12.54
N VAL B 311 14.01 -10.04 13.07
CA VAL B 311 14.37 -9.86 14.49
C VAL B 311 13.23 -10.26 15.43
N ALA B 312 11.98 -10.04 15.03
CA ALA B 312 10.84 -10.48 15.83
C ALA B 312 10.83 -11.99 16.06
N VAL B 313 11.22 -12.82 15.08
CA VAL B 313 11.28 -14.26 15.25
C VAL B 313 12.43 -14.65 16.18
N ASP B 314 13.60 -14.01 16.08
CA ASP B 314 14.72 -14.28 16.97
C ASP B 314 14.43 -13.89 18.42
N PHE B 315 13.82 -12.72 18.64
CA PHE B 315 13.19 -12.37 19.91
C PHE B 315 12.10 -13.36 20.37
N GLY B 316 11.21 -13.77 19.46
CA GLY B 316 10.11 -14.68 19.73
C GLY B 316 10.59 -16.04 20.25
N ASN B 317 11.63 -16.60 19.63
CA ASN B 317 12.27 -17.81 20.13
C ASN B 317 12.82 -17.63 21.55
N TYR B 318 13.55 -16.53 21.79
CA TYR B 318 14.19 -16.31 23.08
C TYR B 318 13.19 -16.24 24.25
N HIS B 319 12.02 -15.61 24.04
CA HIS B 319 11.03 -15.43 25.10
C HIS B 319 10.03 -16.58 25.21
N LEU B 320 9.44 -17.04 24.10
CA LEU B 320 8.37 -18.02 24.15
C LEU B 320 8.92 -19.46 24.24
N GLY B 321 9.99 -19.77 23.50
CA GLY B 321 10.48 -21.14 23.40
C GLY B 321 9.46 -22.04 22.69
N VAL B 322 8.73 -22.87 23.46
CA VAL B 322 7.56 -23.56 22.92
C VAL B 322 6.52 -22.52 22.48
N MET B 323 5.78 -22.84 21.40
CA MET B 323 4.75 -21.98 20.83
C MET B 323 5.32 -20.66 20.27
N SER B 324 6.66 -20.49 20.13
CA SER B 324 7.25 -19.27 19.56
C SER B 324 6.75 -19.01 18.15
N TRP B 325 6.28 -20.06 17.45
CA TRP B 325 5.70 -19.94 16.12
C TRP B 325 4.53 -18.95 16.02
N ILE B 326 3.94 -18.56 17.17
CA ILE B 326 3.00 -17.44 17.19
C ILE B 326 3.57 -16.20 16.48
N ILE B 327 4.83 -15.83 16.71
CA ILE B 327 5.34 -14.58 16.15
C ILE B 327 5.50 -14.69 14.63
N PRO B 328 6.15 -15.70 14.02
CA PRO B 328 6.08 -15.88 12.58
C PRO B 328 4.64 -15.78 12.06
N VAL B 329 3.67 -16.49 12.66
CA VAL B 329 2.31 -16.48 12.16
C VAL B 329 1.76 -15.05 12.17
N PHE B 330 1.86 -14.33 13.29
CA PHE B 330 1.35 -12.97 13.39
C PHE B 330 2.15 -11.97 12.54
N VAL B 331 3.45 -12.17 12.29
CA VAL B 331 4.12 -11.43 11.24
C VAL B 331 3.44 -11.67 9.88
N GLY B 332 3.07 -12.90 9.56
CA GLY B 332 2.27 -13.22 8.39
C GLY B 332 0.95 -12.43 8.36
N LEU B 333 0.13 -12.56 9.40
CA LEU B 333 -1.14 -11.85 9.48
C LEU B 333 -0.96 -10.33 9.37
N SER B 334 0.13 -9.78 9.91
CA SER B 334 0.40 -8.36 9.79
C SER B 334 0.43 -7.94 8.31
N CYS B 335 0.93 -8.83 7.43
CA CYS B 335 1.06 -8.56 6.01
C CYS B 335 -0.24 -8.88 5.28
N PHE B 336 -0.98 -9.89 5.74
CA PHE B 336 -2.28 -10.24 5.16
C PHE B 336 -3.21 -9.03 5.17
N GLY B 337 -3.24 -8.28 6.28
CA GLY B 337 -3.94 -7.00 6.39
C GLY B 337 -3.45 -5.89 5.46
N SER B 338 -2.14 -5.78 5.33
CA SER B 338 -1.55 -4.73 4.51
C SER B 338 -1.90 -4.90 3.03
N VAL B 339 -1.83 -6.12 2.49
CA VAL B 339 -2.24 -6.35 1.11
C VAL B 339 -3.68 -5.92 0.88
N ASN B 340 -4.61 -6.23 1.81
CA ASN B 340 -5.99 -5.83 1.67
C ASN B 340 -6.07 -4.29 1.57
N GLY B 341 -5.42 -3.60 2.51
CA GLY B 341 -5.47 -2.15 2.55
C GLY B 341 -4.96 -1.52 1.27
N SER B 342 -3.94 -2.16 0.70
CA SER B 342 -3.35 -1.73 -0.55
C SER B 342 -4.30 -2.01 -1.70
N LEU B 343 -4.90 -3.21 -1.79
CA LEU B 343 -5.74 -3.52 -2.95
C LEU B 343 -6.94 -2.59 -3.02
N PHE B 344 -7.57 -2.38 -1.85
CA PHE B 344 -8.65 -1.42 -1.69
C PHE B 344 -8.23 -0.06 -2.29
N THR B 345 -7.19 0.55 -1.72
CA THR B 345 -6.65 1.83 -2.14
C THR B 345 -6.27 1.86 -3.64
N SER B 346 -5.57 0.84 -4.12
CA SER B 346 -5.20 0.66 -5.52
C SER B 346 -6.38 0.78 -6.47
N SER B 347 -7.45 0.02 -6.19
CA SER B 347 -8.66 0.02 -7.01
C SER B 347 -9.30 1.41 -7.10
N ARG B 348 -9.26 2.18 -6.00
CA ARG B 348 -9.87 3.49 -6.01
C ARG B 348 -8.97 4.51 -6.73
N LEU B 349 -7.65 4.41 -6.67
CA LEU B 349 -6.80 5.24 -7.50
C LEU B 349 -7.18 5.10 -8.99
N PHE B 350 -7.15 3.88 -9.53
CA PHE B 350 -7.36 3.68 -10.97
C PHE B 350 -8.79 4.03 -11.40
N PHE B 351 -9.76 3.86 -10.50
CA PHE B 351 -11.12 4.31 -10.71
C PHE B 351 -11.27 5.83 -10.89
N VAL B 352 -10.47 6.63 -10.14
CA VAL B 352 -10.38 8.07 -10.42
C VAL B 352 -9.54 8.34 -11.68
N GLY B 353 -8.57 7.49 -11.98
CA GLY B 353 -7.85 7.57 -13.24
C GLY B 353 -8.71 7.51 -14.50
N SER B 354 -9.71 6.62 -14.51
CA SER B 354 -10.63 6.53 -15.64
C SER B 354 -11.70 7.61 -15.60
N ARG B 355 -12.09 8.09 -14.40
CA ARG B 355 -12.98 9.23 -14.26
C ARG B 355 -12.40 10.48 -14.94
N GLU B 356 -11.11 10.76 -14.70
CA GLU B 356 -10.44 11.90 -15.33
C GLU B 356 -10.16 11.65 -16.82
N GLY B 357 -10.63 10.53 -17.39
CA GLY B 357 -10.55 10.27 -18.81
C GLY B 357 -9.16 9.81 -19.29
N HIS B 358 -8.19 9.64 -18.37
CA HIS B 358 -6.84 9.22 -18.71
C HIS B 358 -6.80 7.73 -19.06
N LEU B 359 -7.27 6.91 -18.13
CA LEU B 359 -7.32 5.47 -18.31
C LEU B 359 -8.60 5.08 -19.06
N PRO B 360 -8.67 3.89 -19.71
CA PRO B 360 -9.85 3.48 -20.47
C PRO B 360 -11.10 3.37 -19.58
N SER B 361 -12.25 3.83 -20.10
CA SER B 361 -13.44 4.06 -19.30
C SER B 361 -14.05 2.76 -18.76
N ILE B 362 -13.59 1.59 -19.21
CA ILE B 362 -13.99 0.32 -18.59
C ILE B 362 -13.77 0.31 -17.06
N LEU B 363 -12.69 0.95 -16.60
CA LEU B 363 -12.36 0.96 -15.19
C LEU B 363 -13.31 1.82 -14.33
N SER B 364 -14.14 2.70 -14.92
CA SER B 364 -15.17 3.46 -14.21
C SER B 364 -16.45 2.65 -13.91
N MET B 365 -16.59 1.49 -14.55
CA MET B 365 -17.85 0.78 -14.56
C MET B 365 -18.05 0.03 -13.22
N ILE B 366 -18.95 0.51 -12.38
CA ILE B 366 -19.28 -0.11 -11.13
C ILE B 366 -20.26 -1.31 -11.31
N HIS B 367 -20.23 -2.28 -10.38
CA HIS B 367 -21.29 -3.27 -10.29
C HIS B 367 -22.58 -2.69 -9.70
N PRO B 368 -23.71 -2.69 -10.43
CA PRO B 368 -24.90 -1.96 -10.01
C PRO B 368 -25.61 -2.46 -8.75
N GLN B 369 -25.53 -3.76 -8.42
CA GLN B 369 -26.17 -4.30 -7.21
C GLN B 369 -25.20 -4.31 -6.02
N LEU B 370 -23.88 -4.47 -6.27
CA LEU B 370 -22.90 -4.64 -5.21
C LEU B 370 -22.18 -3.33 -4.86
N LEU B 371 -22.22 -2.33 -5.76
CA LEU B 371 -21.60 -1.01 -5.63
C LEU B 371 -20.05 -1.08 -5.49
N THR B 372 -19.40 -2.15 -5.99
CA THR B 372 -17.95 -2.32 -5.98
C THR B 372 -17.35 -2.11 -7.35
N PRO B 373 -16.15 -1.49 -7.47
CA PRO B 373 -15.56 -1.15 -8.78
C PRO B 373 -14.86 -2.32 -9.41
N VAL B 374 -15.60 -3.43 -9.60
CA VAL B 374 -15.12 -4.71 -10.09
C VAL B 374 -14.06 -4.64 -11.18
N PRO B 375 -14.18 -3.89 -12.30
CA PRO B 375 -13.11 -3.84 -13.29
C PRO B 375 -11.78 -3.30 -12.76
N SER B 376 -11.83 -2.26 -11.93
CA SER B 376 -10.62 -1.72 -11.34
C SER B 376 -9.93 -2.72 -10.39
N LEU B 377 -10.73 -3.47 -9.63
CA LEU B 377 -10.17 -4.51 -8.80
C LEU B 377 -9.58 -5.67 -9.61
N VAL B 378 -10.23 -6.04 -10.70
CA VAL B 378 -9.63 -7.00 -11.60
C VAL B 378 -8.31 -6.45 -12.14
N PHE B 379 -8.25 -5.19 -12.57
CA PHE B 379 -7.02 -4.63 -13.12
C PHE B 379 -5.92 -4.61 -12.07
N THR B 380 -6.26 -4.16 -10.86
CA THR B 380 -5.34 -4.14 -9.74
C THR B 380 -4.75 -5.53 -9.47
N CYS B 381 -5.61 -6.54 -9.43
CA CYS B 381 -5.20 -7.87 -9.13
C CYS B 381 -4.29 -8.36 -10.24
N VAL B 382 -4.70 -8.28 -11.51
CA VAL B 382 -3.91 -8.82 -12.62
C VAL B 382 -2.54 -8.18 -12.63
N MET B 383 -2.43 -6.85 -12.58
CA MET B 383 -1.12 -6.21 -12.62
C MET B 383 -0.24 -6.68 -11.45
N THR B 384 -0.82 -6.97 -10.27
CA THR B 384 -0.09 -7.52 -9.15
C THR B 384 0.44 -8.92 -9.46
N LEU B 385 -0.42 -9.82 -9.90
CA LEU B 385 0.01 -11.19 -10.12
C LEU B 385 1.09 -11.31 -11.20
N LEU B 386 1.13 -10.43 -12.19
CA LEU B 386 2.19 -10.49 -13.18
C LEU B 386 3.58 -10.31 -12.56
N TYR B 387 3.72 -9.68 -11.38
CA TYR B 387 5.03 -9.58 -10.73
C TYR B 387 5.51 -10.94 -10.19
N ALA B 388 4.64 -11.95 -10.11
CA ALA B 388 5.05 -13.32 -9.76
C ALA B 388 6.02 -13.97 -10.76
N PHE B 389 6.09 -13.48 -11.99
CA PHE B 389 7.11 -13.91 -12.94
C PHE B 389 8.53 -13.46 -12.56
N SER B 390 8.65 -12.38 -11.76
CA SER B 390 9.82 -11.53 -11.88
C SER B 390 11.07 -12.11 -11.17
N LYS B 391 12.23 -11.68 -11.70
CA LYS B 391 13.56 -12.15 -11.30
C LYS B 391 14.25 -11.07 -10.47
N ASP B 392 14.84 -11.46 -9.33
CA ASP B 392 15.73 -10.59 -8.54
C ASP B 392 15.05 -9.25 -8.16
N ILE B 393 13.77 -9.33 -7.78
CA ILE B 393 12.81 -8.23 -7.85
C ILE B 393 13.12 -7.05 -6.91
N PHE B 394 13.59 -7.28 -5.68
CA PHE B 394 13.51 -6.27 -4.63
C PHE B 394 14.26 -4.97 -4.96
N SER B 395 15.40 -5.03 -5.68
CA SER B 395 16.14 -3.83 -6.06
C SER B 395 15.57 -3.10 -7.30
N VAL B 396 14.70 -3.74 -8.09
CA VAL B 396 13.95 -3.05 -9.16
C VAL B 396 13.07 -1.91 -8.61
N ILE B 397 12.47 -2.13 -7.44
CA ILE B 397 11.63 -1.16 -6.73
C ILE B 397 12.49 -0.08 -6.07
N ASN B 398 13.74 -0.43 -5.70
CA ASN B 398 14.62 0.46 -4.94
C ASN B 398 14.76 1.83 -5.60
N PHE B 399 14.81 1.88 -6.95
CA PHE B 399 14.95 3.15 -7.66
C PHE B 399 13.67 3.98 -7.74
N PHE B 400 12.53 3.42 -7.35
CA PHE B 400 11.31 4.20 -7.15
C PHE B 400 11.06 4.56 -5.68
N SER B 401 11.88 4.14 -4.72
CA SER B 401 11.63 4.39 -3.30
C SER B 401 11.56 5.89 -3.01
N PHE B 402 12.35 6.70 -3.73
CA PHE B 402 12.29 8.16 -3.65
C PHE B 402 10.97 8.74 -4.20
N PHE B 403 10.29 8.06 -5.15
CA PHE B 403 9.23 8.63 -5.98
C PHE B 403 7.97 8.94 -5.18
N ASN B 404 7.70 8.12 -4.16
CA ASN B 404 6.70 8.44 -3.15
C ASN B 404 6.97 9.85 -2.55
N TRP B 405 8.21 10.12 -2.11
CA TRP B 405 8.53 11.42 -1.56
C TRP B 405 8.47 12.52 -2.61
N LEU B 406 8.87 12.22 -3.85
CA LEU B 406 8.79 13.18 -4.93
C LEU B 406 7.34 13.66 -5.06
N CYS B 407 6.39 12.72 -5.08
CA CYS B 407 4.99 13.08 -5.19
C CYS B 407 4.47 13.85 -3.98
N VAL B 408 4.85 13.44 -2.77
CA VAL B 408 4.43 14.16 -1.59
C VAL B 408 4.97 15.60 -1.67
N ALA B 409 6.22 15.79 -2.07
CA ALA B 409 6.83 17.11 -2.17
C ALA B 409 6.08 17.98 -3.18
N LEU B 410 5.90 17.47 -4.41
CA LEU B 410 5.14 18.17 -5.44
C LEU B 410 3.74 18.53 -4.93
N ALA B 411 3.05 17.61 -4.26
CA ALA B 411 1.72 17.87 -3.74
C ALA B 411 1.72 18.98 -2.69
N ILE B 412 2.64 19.01 -1.73
CA ILE B 412 2.59 20.06 -0.72
C ILE B 412 3.03 21.38 -1.36
N ILE B 413 4.01 21.40 -2.28
CA ILE B 413 4.32 22.62 -3.03
C ILE B 413 3.08 23.11 -3.79
N GLY B 414 2.33 22.18 -4.38
CA GLY B 414 1.09 22.49 -5.04
C GLY B 414 0.05 23.08 -4.09
N MET B 415 -0.06 22.58 -2.85
CA MET B 415 -0.97 23.11 -1.85
C MET B 415 -0.58 24.55 -1.49
N ILE B 416 0.71 24.84 -1.39
CA ILE B 416 1.18 26.20 -1.15
C ILE B 416 0.91 27.13 -2.34
N TRP B 417 1.10 26.68 -3.59
CA TRP B 417 0.69 27.45 -4.78
C TRP B 417 -0.83 27.68 -4.76
N LEU B 418 -1.62 26.65 -4.46
CA LEU B 418 -3.06 26.74 -4.35
C LEU B 418 -3.49 27.78 -3.29
N ARG B 419 -2.78 27.88 -2.14
CA ARG B 419 -3.10 28.86 -1.11
C ARG B 419 -3.05 30.32 -1.60
N HIS B 420 -2.38 30.64 -2.74
CA HIS B 420 -2.40 31.99 -3.30
C HIS B 420 -3.08 32.11 -4.66
N ARG B 421 -3.12 31.06 -5.50
CA ARG B 421 -3.83 31.09 -6.79
C ARG B 421 -5.36 31.02 -6.61
N LYS B 422 -5.87 30.29 -5.58
CA LYS B 422 -7.29 30.26 -5.25
C LYS B 422 -7.45 30.42 -3.73
N PRO B 423 -7.18 31.65 -3.21
CA PRO B 423 -7.18 31.88 -1.76
C PRO B 423 -8.57 31.80 -1.11
N GLU B 424 -9.65 31.90 -1.90
CA GLU B 424 -11.04 31.96 -1.42
C GLU B 424 -11.69 30.62 -1.03
N LEU B 425 -11.00 29.47 -1.24
CA LEU B 425 -11.56 28.14 -0.97
C LEU B 425 -11.79 27.90 0.54
N GLU B 426 -12.66 26.94 0.87
CA GLU B 426 -13.29 26.90 2.20
C GLU B 426 -12.31 26.54 3.33
N ARG B 427 -11.43 25.56 3.07
CA ARG B 427 -10.39 25.05 3.98
C ARG B 427 -10.86 24.82 5.42
N PRO B 428 -11.73 23.83 5.71
CA PRO B 428 -12.11 23.49 7.09
C PRO B 428 -10.92 23.20 8.03
N ILE B 429 -9.78 22.77 7.46
CA ILE B 429 -8.50 22.72 8.18
C ILE B 429 -7.49 23.62 7.46
N LYS B 430 -6.85 24.52 8.25
CA LYS B 430 -5.63 25.22 7.87
C LYS B 430 -4.55 25.04 8.94
N VAL B 431 -3.37 24.55 8.54
CA VAL B 431 -2.18 24.54 9.42
C VAL B 431 -1.41 25.85 9.26
N ASN B 432 -0.42 26.07 10.15
CA ASN B 432 0.46 27.22 10.13
C ASN B 432 1.19 27.38 8.79
N LEU B 433 1.30 28.64 8.31
CA LEU B 433 1.85 29.02 7.00
C LEU B 433 3.18 28.34 6.70
N ALA B 434 4.05 28.22 7.73
CA ALA B 434 5.42 27.77 7.59
C ALA B 434 5.56 26.25 7.77
N LEU B 435 4.58 25.55 8.36
CA LEU B 435 4.72 24.12 8.67
C LEU B 435 4.92 23.30 7.38
N PRO B 436 4.12 23.50 6.29
CA PRO B 436 4.43 22.92 4.99
C PRO B 436 5.82 23.29 4.47
N VAL B 437 6.29 24.52 4.67
CA VAL B 437 7.59 24.94 4.13
C VAL B 437 8.73 24.18 4.81
N PHE B 438 8.66 24.08 6.15
CA PHE B 438 9.55 23.23 6.94
C PHE B 438 9.56 21.80 6.40
N PHE B 439 8.36 21.22 6.25
CA PHE B 439 8.23 19.85 5.80
C PHE B 439 8.75 19.66 4.36
N ILE B 440 8.47 20.58 3.44
CA ILE B 440 9.00 20.52 2.08
C ILE B 440 10.52 20.52 2.13
N LEU B 441 11.13 21.43 2.90
CA LEU B 441 12.57 21.54 2.96
C LEU B 441 13.20 20.24 3.48
N ALA B 442 12.65 19.71 4.58
CA ALA B 442 13.08 18.43 5.15
C ALA B 442 12.89 17.25 4.18
N CYS B 443 11.77 17.22 3.47
CA CYS B 443 11.51 16.22 2.45
C CYS B 443 12.50 16.32 1.28
N LEU B 444 12.80 17.53 0.77
CA LEU B 444 13.75 17.69 -0.34
C LEU B 444 15.14 17.21 0.05
N PHE B 445 15.59 17.47 1.29
CA PHE B 445 16.84 16.93 1.81
C PHE B 445 16.83 15.39 1.81
N LEU B 446 15.73 14.79 2.32
CA LEU B 446 15.60 13.33 2.35
C LEU B 446 15.06 12.72 1.03
N ILE B 447 14.92 13.53 -0.03
CA ILE B 447 14.89 13.06 -1.41
C ILE B 447 16.33 12.97 -1.88
N ALA B 448 17.10 14.06 -1.71
CA ALA B 448 18.41 14.23 -2.32
C ALA B 448 19.38 13.08 -1.99
N VAL B 449 19.36 12.58 -0.75
CA VAL B 449 20.16 11.44 -0.35
C VAL B 449 19.86 10.18 -1.16
N SER B 450 18.62 9.98 -1.63
CA SER B 450 18.24 8.78 -2.38
C SER B 450 18.97 8.66 -3.74
N PHE B 451 19.20 9.78 -4.43
CA PHE B 451 19.99 9.81 -5.64
C PHE B 451 21.46 9.48 -5.33
N TRP B 452 22.03 10.16 -4.32
CA TRP B 452 23.39 9.92 -3.84
C TRP B 452 23.65 8.45 -3.44
N LYS B 453 22.65 7.80 -2.84
CA LYS B 453 22.69 6.40 -2.43
C LYS B 453 22.65 5.40 -3.60
N THR B 454 22.12 5.77 -4.79
CA THR B 454 21.76 4.80 -5.83
C THR B 454 21.86 5.35 -7.28
N PRO B 455 22.89 6.15 -7.64
CA PRO B 455 22.80 7.07 -8.79
C PRO B 455 22.55 6.39 -10.14
N VAL B 456 23.16 5.23 -10.40
CA VAL B 456 22.94 4.48 -11.64
C VAL B 456 21.54 3.83 -11.67
N GLU B 457 21.00 3.41 -10.51
CA GLU B 457 19.68 2.82 -10.44
C GLU B 457 18.60 3.88 -10.70
N CYS B 458 18.69 5.06 -10.08
CA CYS B 458 17.82 6.18 -10.43
C CYS B 458 18.02 6.63 -11.89
N GLY B 459 19.17 6.33 -12.54
CA GLY B 459 19.33 6.40 -13.99
C GLY B 459 18.29 5.57 -14.76
N ILE B 460 17.98 4.37 -14.25
CA ILE B 460 16.85 3.57 -14.75
C ILE B 460 15.52 4.17 -14.26
N GLY B 461 15.40 4.60 -12.99
CA GLY B 461 14.19 5.22 -12.45
C GLY B 461 13.67 6.39 -13.29
N PHE B 462 14.53 7.39 -13.54
CA PHE B 462 14.19 8.52 -14.41
C PHE B 462 14.02 8.13 -15.88
N THR B 463 14.68 7.08 -16.37
CA THR B 463 14.42 6.56 -17.72
C THR B 463 12.99 6.00 -17.80
N ILE B 464 12.56 5.21 -16.82
CA ILE B 464 11.28 4.49 -16.91
C ILE B 464 10.07 5.44 -16.81
N ILE B 465 10.13 6.57 -16.07
CA ILE B 465 9.00 7.51 -16.07
C ILE B 465 8.72 8.08 -17.48
N LEU B 466 9.70 8.12 -18.37
CA LEU B 466 9.46 8.61 -19.73
C LEU B 466 8.57 7.65 -20.53
N SER B 467 8.34 6.40 -20.07
CA SER B 467 7.35 5.48 -20.63
C SER B 467 5.99 6.17 -20.82
N GLY B 468 5.65 7.11 -19.95
CA GLY B 468 4.37 7.80 -20.02
C GLY B 468 4.17 8.67 -21.26
N LEU B 469 5.23 9.21 -21.90
CA LEU B 469 5.03 10.22 -22.94
C LEU B 469 4.39 9.60 -24.20
N PRO B 470 4.90 8.49 -24.81
CA PRO B 470 4.15 7.78 -25.85
C PRO B 470 2.72 7.45 -25.46
N VAL B 471 2.51 7.02 -24.21
CA VAL B 471 1.18 6.62 -23.74
C VAL B 471 0.22 7.80 -23.69
N TYR B 472 0.70 8.95 -23.18
CA TYR B 472 -0.12 10.15 -23.09
C TYR B 472 -0.56 10.65 -24.46
N PHE B 473 0.39 10.78 -25.40
CA PHE B 473 0.07 11.23 -26.75
C PHE B 473 -0.84 10.23 -27.49
N PHE B 474 -0.71 8.92 -27.23
CA PHE B 474 -1.55 7.90 -27.86
C PHE B 474 -2.95 7.81 -27.24
N GLY B 475 -3.04 7.91 -25.91
CA GLY B 475 -4.26 7.61 -25.16
C GLY B 475 -5.08 8.84 -24.73
N VAL B 476 -4.40 9.79 -24.09
CA VAL B 476 -5.04 10.97 -23.51
C VAL B 476 -5.38 12.00 -24.59
N TRP B 477 -4.48 12.14 -25.59
CA TRP B 477 -4.35 13.39 -26.33
C TRP B 477 -4.69 13.29 -27.82
N TRP B 478 -4.82 12.08 -28.41
CA TRP B 478 -4.71 11.87 -29.86
C TRP B 478 -5.87 12.42 -30.72
N LYS B 479 -7.03 12.74 -30.11
CA LYS B 479 -8.28 13.15 -30.76
C LYS B 479 -8.85 12.07 -31.70
N ASN B 480 -8.74 10.78 -31.30
CA ASN B 480 -9.56 9.65 -31.74
C ASN B 480 -9.60 9.46 -33.26
N LYS B 481 -8.44 9.59 -33.93
CA LYS B 481 -8.37 9.47 -35.39
C LYS B 481 -8.62 8.05 -35.93
N PRO B 482 -8.14 6.92 -35.33
CA PRO B 482 -8.23 5.61 -35.97
C PRO B 482 -9.58 4.92 -35.77
N LYS B 483 -10.56 5.23 -36.61
CA LYS B 483 -11.93 4.77 -36.43
C LYS B 483 -12.04 3.24 -36.33
N TRP B 484 -11.24 2.50 -37.10
CA TRP B 484 -11.23 1.05 -37.05
C TRP B 484 -10.75 0.49 -35.69
N LEU B 485 -9.93 1.25 -34.96
CA LEU B 485 -9.58 0.95 -33.57
C LEU B 485 -10.65 1.42 -32.58
N LEU B 486 -11.26 2.60 -32.77
CA LEU B 486 -12.34 3.12 -31.92
C LEU B 486 -13.50 2.13 -31.83
N GLN B 487 -13.97 1.59 -32.96
CA GLN B 487 -15.04 0.59 -32.95
C GLN B 487 -14.63 -0.69 -32.21
N GLY B 488 -13.32 -1.04 -32.21
CA GLY B 488 -12.78 -2.15 -31.42
C GLY B 488 -12.71 -1.88 -29.92
N ILE B 489 -12.28 -0.66 -29.54
CA ILE B 489 -12.32 -0.19 -28.16
C ILE B 489 -13.75 -0.30 -27.65
N PHE B 490 -14.72 0.23 -28.43
CA PHE B 490 -16.13 0.17 -28.05
C PHE B 490 -16.56 -1.29 -27.90
N SER B 491 -16.27 -2.14 -28.90
CA SER B 491 -16.61 -3.56 -28.86
C SER B 491 -16.04 -4.27 -27.63
N THR B 492 -14.77 -4.01 -27.29
CA THR B 492 -14.12 -4.57 -26.12
C THR B 492 -14.79 -4.09 -24.83
N THR B 493 -15.12 -2.78 -24.79
CA THR B 493 -15.75 -2.14 -23.65
C THR B 493 -17.12 -2.75 -23.38
N VAL B 494 -17.99 -2.81 -24.39
CA VAL B 494 -19.33 -3.36 -24.17
C VAL B 494 -19.23 -4.84 -23.79
N LEU B 495 -18.28 -5.58 -24.38
CA LEU B 495 -18.06 -6.98 -24.02
C LEU B 495 -17.76 -7.05 -22.51
N CYS B 496 -16.80 -6.28 -22.02
CA CYS B 496 -16.46 -6.26 -20.61
C CYS B 496 -17.67 -5.89 -19.75
N GLN B 497 -18.44 -4.88 -20.17
CA GLN B 497 -19.63 -4.49 -19.44
C GLN B 497 -20.62 -5.63 -19.31
N LYS B 498 -20.94 -6.32 -20.42
CA LYS B 498 -21.85 -7.46 -20.43
C LYS B 498 -21.31 -8.58 -19.54
N LEU B 499 -20.00 -8.84 -19.69
CA LEU B 499 -19.31 -9.98 -19.11
C LEU B 499 -19.16 -9.84 -17.60
N MET B 500 -19.03 -8.60 -17.10
CA MET B 500 -18.92 -8.36 -15.66
C MET B 500 -20.21 -7.81 -15.05
N GLN B 501 -21.18 -7.39 -15.89
CA GLN B 501 -22.39 -6.70 -15.46
C GLN B 501 -22.04 -5.40 -14.74
N VAL B 502 -21.53 -4.41 -15.50
CA VAL B 502 -21.07 -3.15 -14.92
C VAL B 502 -21.44 -1.95 -15.79
N VAL B 503 -21.63 -0.80 -15.10
CA VAL B 503 -22.28 0.39 -15.65
C VAL B 503 -21.61 1.65 -15.11
N PRO B 504 -21.64 2.78 -15.85
CA PRO B 504 -21.09 4.05 -15.37
C PRO B 504 -21.65 4.54 -14.04
N GLN B 505 -20.86 5.41 -13.40
CA GLN B 505 -21.23 6.00 -12.12
C GLN B 505 -22.27 7.11 -12.28
N GLU B 506 -23.45 6.93 -11.64
CA GLU B 506 -24.43 8.00 -11.45
C GLU B 506 -23.78 9.17 -10.69
N THR B 507 -23.75 10.35 -11.37
CA THR B 507 -22.98 11.50 -10.95
C THR B 507 -23.79 12.77 -11.25
#